data_7B3K
#
_entry.id   7B3K
#
loop_
_entity.id
_entity.type
_entity.pdbx_description
1 polymer 'Isoform L-APP677 of Amyloid-beta precursor protein'
2 polymer 'D3 all D-enantimeric peptide'
#
loop_
_entity_poly.entity_id
_entity_poly.type
_entity_poly.pdbx_seq_one_letter_code
_entity_poly.pdbx_strand_id
1 'polypeptide(L)' DAEFRHDSGYEVHHQKLVFFAEDVGSNKGAIIGLMVGGVVIATVIVITLVMPKKK A
2 'polypeptide(D)' (DAR)(DPR)(DAR)(2TL)(DAR)(DLE)(DHI)(2TL)(DHI)(DAR)(DSG)(DAR) B
#
# COMPACT_ATOMS: atom_id res chain seq x y z
N ASP A 1 16.12 -11.13 22.28
CA ASP A 1 14.72 -11.40 22.48
C ASP A 1 13.81 -10.51 21.68
N ALA A 2 13.09 -11.21 20.76
CA ALA A 2 12.10 -10.55 19.89
C ALA A 2 11.03 -11.55 19.28
N GLU A 3 11.20 -12.81 19.52
CA GLU A 3 10.38 -13.96 18.95
C GLU A 3 9.16 -14.43 19.81
N PHE A 4 9.15 -14.40 21.12
CA PHE A 4 7.96 -14.70 21.91
C PHE A 4 6.98 -13.50 22.19
N ARG A 5 7.46 -12.27 22.04
CA ARG A 5 6.60 -11.12 22.29
C ARG A 5 5.34 -11.01 21.43
N HIS A 6 4.25 -10.47 21.94
CA HIS A 6 2.88 -10.64 21.34
C HIS A 6 2.77 -9.90 19.94
N ASP A 7 3.75 -9.05 19.60
CA ASP A 7 3.72 -8.18 18.46
C ASP A 7 4.98 -8.56 17.58
N SER A 8 5.48 -9.81 17.54
CA SER A 8 6.77 -10.27 16.93
C SER A 8 6.74 -10.08 15.42
N GLY A 9 5.67 -10.44 14.76
CA GLY A 9 5.44 -10.16 13.35
C GLY A 9 5.21 -8.62 12.99
N TYR A 10 5.20 -7.73 13.95
CA TYR A 10 5.29 -6.28 13.64
C TYR A 10 6.63 -5.64 14.03
N GLU A 11 7.23 -6.11 15.15
CA GLU A 11 8.63 -5.77 15.65
C GLU A 11 9.73 -6.26 14.70
N VAL A 12 9.45 -7.39 14.02
CA VAL A 12 10.43 -8.08 13.16
C VAL A 12 9.76 -8.39 11.78
N HIS A 13 10.44 -7.83 10.76
CA HIS A 13 9.94 -7.86 9.36
C HIS A 13 11.00 -7.68 8.22
N HIS A 14 10.60 -7.84 6.90
CA HIS A 14 11.56 -8.02 5.81
C HIS A 14 10.97 -7.64 4.48
N GLN A 15 10.02 -8.35 3.89
CA GLN A 15 9.24 -7.95 2.71
C GLN A 15 7.66 -8.06 2.89
N LYS A 16 6.91 -7.00 2.50
CA LYS A 16 5.44 -6.83 2.67
C LYS A 16 4.84 -5.83 1.61
N LEU A 17 3.62 -6.15 1.17
CA LEU A 17 2.98 -5.40 0.07
C LEU A 17 2.86 -3.96 0.59
N VAL A 18 2.63 -3.69 1.90
CA VAL A 18 2.44 -2.28 2.34
C VAL A 18 3.70 -1.43 2.09
N PHE A 19 4.93 -2.03 1.97
CA PHE A 19 6.01 -1.18 1.68
C PHE A 19 6.00 -0.60 0.27
N PHE A 20 5.15 -1.10 -0.71
CA PHE A 20 4.85 -0.14 -1.77
C PHE A 20 3.97 1.05 -1.29
N ALA A 21 2.93 0.80 -0.53
CA ALA A 21 2.10 1.92 0.01
C ALA A 21 2.88 3.04 0.74
N GLU A 22 3.85 2.72 1.62
CA GLU A 22 4.82 3.57 2.31
C GLU A 22 5.57 4.47 1.39
N ASP A 23 5.74 4.06 0.09
CA ASP A 23 6.36 4.80 -1.03
C ASP A 23 5.52 5.96 -1.65
N VAL A 24 4.25 5.75 -1.80
CA VAL A 24 3.32 6.76 -2.40
C VAL A 24 2.61 7.56 -1.34
N GLY A 25 2.02 7.00 -0.30
CA GLY A 25 1.14 7.67 0.70
C GLY A 25 1.95 8.52 1.71
N SER A 26 1.81 9.81 1.76
CA SER A 26 2.63 10.67 2.72
C SER A 26 2.62 10.25 4.18
N ASN A 27 1.55 9.62 4.62
CA ASN A 27 1.20 9.47 6.05
C ASN A 27 0.33 8.19 6.31
N LYS A 28 0.24 7.65 7.49
CA LYS A 28 -0.48 6.48 7.99
C LYS A 28 -1.93 6.41 7.30
N GLY A 29 -2.74 7.48 7.43
CA GLY A 29 -4.11 7.58 6.90
C GLY A 29 -4.19 7.25 5.45
N ALA A 30 -3.33 7.85 4.64
CA ALA A 30 -3.08 7.63 3.18
C ALA A 30 -2.43 6.28 2.94
N ILE A 31 -1.56 5.78 3.89
CA ILE A 31 -0.87 4.45 3.71
C ILE A 31 -1.83 3.26 3.90
N ILE A 32 -2.79 3.38 4.76
CA ILE A 32 -3.88 2.43 4.92
C ILE A 32 -5.01 2.70 3.95
N GLY A 33 -5.31 3.99 3.70
CA GLY A 33 -6.13 4.61 2.66
C GLY A 33 -5.84 3.84 1.41
N LEU A 34 -4.59 3.89 0.91
CA LEU A 34 -4.10 3.19 -0.24
C LEU A 34 -4.26 1.69 -0.06
N MET A 35 -4.02 1.06 1.12
CA MET A 35 -4.19 -0.39 1.16
C MET A 35 -5.69 -0.83 0.99
N VAL A 36 -6.68 -0.06 1.55
CA VAL A 36 -8.14 -0.18 1.42
C VAL A 36 -8.44 0.10 -0.08
N GLY A 37 -7.91 1.19 -0.67
CA GLY A 37 -7.85 1.28 -2.16
C GLY A 37 -7.44 0.03 -2.90
N GLY A 38 -6.38 -0.65 -2.49
CA GLY A 38 -5.87 -1.84 -3.12
C GLY A 38 -6.89 -2.92 -3.09
N VAL A 39 -7.64 -3.08 -1.99
CA VAL A 39 -8.67 -4.09 -1.90
C VAL A 39 -9.85 -3.75 -2.84
N VAL A 40 -10.23 -2.48 -2.94
CA VAL A 40 -11.23 -2.04 -3.94
C VAL A 40 -10.70 -2.36 -5.43
N ILE A 41 -9.47 -2.07 -5.81
CA ILE A 41 -8.85 -2.38 -7.13
C ILE A 41 -8.74 -3.90 -7.37
N ALA A 42 -8.39 -4.74 -6.40
CA ALA A 42 -8.25 -6.18 -6.53
C ALA A 42 -9.66 -6.82 -6.56
N THR A 43 -10.66 -6.25 -5.83
CA THR A 43 -12.06 -6.77 -5.86
C THR A 43 -12.74 -6.56 -7.22
N VAL A 44 -12.57 -5.39 -7.81
CA VAL A 44 -13.01 -5.22 -9.19
C VAL A 44 -12.37 -6.28 -10.17
N ILE A 45 -11.03 -6.59 -10.05
CA ILE A 45 -10.37 -7.62 -10.91
C ILE A 45 -11.07 -8.95 -10.72
N VAL A 46 -11.36 -9.38 -9.50
CA VAL A 46 -12.04 -10.66 -9.10
C VAL A 46 -13.45 -10.64 -9.69
N ILE A 47 -14.32 -9.61 -9.53
CA ILE A 47 -15.62 -9.49 -10.31
C ILE A 47 -15.45 -9.84 -11.76
N THR A 48 -14.49 -9.22 -12.43
CA THR A 48 -14.22 -9.47 -13.93
C THR A 48 -13.57 -10.81 -14.25
N LEU A 49 -13.05 -11.53 -13.31
CA LEU A 49 -12.71 -12.93 -13.54
C LEU A 49 -13.93 -13.80 -13.67
N VAL A 50 -15.04 -13.34 -13.01
CA VAL A 50 -16.28 -14.13 -12.84
C VAL A 50 -17.43 -13.97 -13.93
N MET A 51 -17.65 -12.76 -14.39
CA MET A 51 -18.57 -12.41 -15.42
C MET A 51 -18.24 -13.09 -16.78
N PRO A 52 -17.02 -13.16 -17.34
CA PRO A 52 -16.77 -14.01 -18.53
C PRO A 52 -17.07 -15.50 -18.35
N LYS A 53 -17.09 -16.08 -17.19
CA LYS A 53 -17.47 -17.55 -17.07
C LYS A 53 -18.98 -17.68 -16.86
N LYS A 54 -19.60 -16.59 -16.32
CA LYS A 54 -20.99 -16.64 -15.91
C LYS A 54 -21.97 -16.18 -17.01
N LYS A 55 -21.68 -15.04 -17.66
CA LYS A 55 -22.46 -14.51 -18.73
C LYS A 55 -22.58 -15.49 -19.97
N ASP A 1 26.83 9.26 6.03
CA ASP A 1 26.44 10.60 5.53
C ASP A 1 25.39 10.54 4.48
N ALA A 2 24.53 11.57 4.30
CA ALA A 2 23.40 11.61 3.47
C ALA A 2 23.19 12.97 2.76
N GLU A 3 23.54 13.21 1.48
CA GLU A 3 24.07 12.36 0.44
C GLU A 3 23.15 11.19 -0.01
N PHE A 4 23.29 10.75 -1.24
CA PHE A 4 22.64 9.54 -1.84
C PHE A 4 21.11 9.55 -2.00
N ARG A 5 20.56 10.70 -2.34
CA ARG A 5 19.11 10.89 -2.75
C ARG A 5 19.04 10.27 -4.13
N HIS A 6 17.82 9.86 -4.54
CA HIS A 6 17.42 9.21 -5.83
C HIS A 6 18.04 7.78 -5.93
N ASP A 7 17.97 7.01 -4.90
CA ASP A 7 18.83 5.85 -4.80
C ASP A 7 18.28 4.72 -3.92
N SER A 8 16.94 4.54 -3.95
CA SER A 8 16.17 3.66 -3.10
C SER A 8 16.43 2.21 -3.43
N GLY A 9 16.71 1.89 -4.66
CA GLY A 9 16.77 0.59 -5.20
C GLY A 9 15.49 -0.07 -5.42
N TYR A 10 15.41 -0.94 -6.37
CA TYR A 10 14.29 -1.83 -6.61
C TYR A 10 14.17 -2.99 -5.63
N GLU A 11 14.64 -2.85 -4.38
CA GLU A 11 15.09 -3.96 -3.53
C GLU A 11 13.87 -4.74 -2.91
N VAL A 12 13.14 -5.47 -3.72
CA VAL A 12 11.99 -6.30 -3.30
C VAL A 12 12.33 -7.16 -1.99
N HIS A 13 13.56 -7.60 -1.81
CA HIS A 13 14.02 -8.40 -0.62
C HIS A 13 14.37 -7.52 0.63
N HIS A 14 14.62 -6.22 0.53
CA HIS A 14 14.72 -5.30 1.69
C HIS A 14 13.47 -4.33 1.85
N GLN A 15 12.77 -3.90 0.77
CA GLN A 15 11.68 -2.95 0.97
C GLN A 15 10.43 -3.71 1.48
N LYS A 16 9.48 -2.91 2.01
CA LYS A 16 8.24 -3.49 2.64
C LYS A 16 7.04 -2.64 2.09
N LEU A 17 5.92 -3.37 1.97
CA LEU A 17 4.60 -2.94 1.44
C LEU A 17 4.01 -1.62 1.94
N VAL A 18 4.00 -1.41 3.27
CA VAL A 18 3.34 -0.24 3.71
C VAL A 18 4.19 0.99 3.71
N PHE A 19 5.48 0.68 3.75
CA PHE A 19 6.57 1.69 3.46
C PHE A 19 6.52 2.19 2.01
N PHE A 20 6.34 1.27 1.05
CA PHE A 20 6.05 1.51 -0.33
C PHE A 20 4.79 2.31 -0.62
N ALA A 21 3.76 2.18 0.27
CA ALA A 21 2.52 3.06 0.41
C ALA A 21 2.99 4.47 0.87
N GLU A 22 3.68 4.59 1.99
CA GLU A 22 3.90 5.86 2.65
C GLU A 22 4.87 6.76 1.85
N ASP A 23 5.73 6.22 0.94
CA ASP A 23 6.43 7.12 -0.06
C ASP A 23 5.51 8.01 -0.95
N VAL A 24 4.17 7.75 -0.98
CA VAL A 24 3.16 8.55 -1.78
C VAL A 24 2.67 9.71 -0.83
N GLY A 25 2.45 9.48 0.49
CA GLY A 25 2.06 10.59 1.39
C GLY A 25 2.08 10.20 2.82
N SER A 26 2.47 11.09 3.68
CA SER A 26 2.96 10.85 5.04
C SER A 26 1.76 10.56 6.05
N ASN A 27 0.54 10.95 5.63
CA ASN A 27 -0.57 11.16 6.55
C ASN A 27 -1.31 9.83 6.66
N LYS A 28 -1.78 9.43 7.85
CA LYS A 28 -2.36 8.07 8.01
C LYS A 28 -3.62 7.81 7.17
N GLY A 29 -4.37 8.91 6.89
CA GLY A 29 -5.44 8.88 5.87
C GLY A 29 -4.98 8.28 4.56
N ALA A 30 -3.88 8.70 3.99
CA ALA A 30 -3.26 8.18 2.77
C ALA A 30 -2.82 6.73 2.93
N ILE A 31 -1.97 6.47 3.93
CA ILE A 31 -1.42 5.16 4.13
C ILE A 31 -2.58 4.11 4.15
N ILE A 32 -3.62 4.44 4.96
CA ILE A 32 -4.70 3.47 5.18
C ILE A 32 -5.46 3.38 3.88
N GLY A 33 -5.58 4.45 3.13
CA GLY A 33 -6.36 4.50 1.93
C GLY A 33 -5.74 3.72 0.74
N LEU A 34 -4.43 3.76 0.63
CA LEU A 34 -3.63 2.90 -0.29
C LEU A 34 -3.84 1.42 0.00
N MET A 35 -3.83 0.98 1.30
CA MET A 35 -4.01 -0.47 1.65
C MET A 35 -5.44 -0.96 1.49
N VAL A 36 -6.40 -0.13 1.79
CA VAL A 36 -7.87 -0.36 1.49
C VAL A 36 -8.11 -0.40 -0.04
N GLY A 37 -7.47 0.59 -0.69
CA GLY A 37 -7.48 0.74 -2.14
C GLY A 37 -7.07 -0.47 -2.96
N GLY A 38 -5.92 -1.00 -2.61
CA GLY A 38 -5.34 -2.22 -3.10
C GLY A 38 -6.24 -3.50 -3.02
N VAL A 39 -7.08 -3.65 -1.96
CA VAL A 39 -8.06 -4.79 -1.83
C VAL A 39 -9.26 -4.54 -2.69
N VAL A 40 -9.63 -3.28 -2.93
CA VAL A 40 -10.87 -2.94 -3.63
C VAL A 40 -10.64 -2.91 -5.13
N ILE A 41 -9.54 -2.46 -5.67
CA ILE A 41 -9.04 -2.64 -7.02
C ILE A 41 -8.87 -4.16 -7.32
N ALA A 42 -8.24 -4.96 -6.42
CA ALA A 42 -8.17 -6.40 -6.56
C ALA A 42 -9.57 -7.14 -6.56
N THR A 43 -10.61 -6.58 -5.84
CA THR A 43 -11.98 -7.02 -5.96
C THR A 43 -12.64 -6.72 -7.32
N VAL A 44 -12.20 -5.74 -8.07
CA VAL A 44 -12.69 -5.46 -9.43
C VAL A 44 -12.06 -6.36 -10.47
N ILE A 45 -10.83 -6.76 -10.21
CA ILE A 45 -10.25 -7.94 -10.95
C ILE A 45 -11.08 -9.10 -10.69
N VAL A 46 -11.54 -9.31 -9.41
CA VAL A 46 -12.34 -10.55 -9.15
C VAL A 46 -13.75 -10.58 -9.72
N ILE A 47 -14.45 -9.45 -9.73
CA ILE A 47 -15.73 -9.27 -10.32
C ILE A 47 -15.67 -9.33 -11.85
N THR A 48 -14.76 -8.61 -12.51
CA THR A 48 -14.67 -8.61 -13.98
C THR A 48 -14.27 -9.92 -14.58
N LEU A 49 -13.65 -10.80 -13.74
CA LEU A 49 -13.26 -12.17 -14.14
C LEU A 49 -14.30 -13.24 -13.70
N VAL A 50 -15.24 -12.96 -12.80
CA VAL A 50 -16.29 -13.92 -12.31
C VAL A 50 -17.63 -13.68 -12.91
N MET A 51 -18.09 -12.38 -12.79
CA MET A 51 -19.42 -11.85 -13.20
C MET A 51 -19.84 -12.13 -14.63
N PRO A 52 -18.96 -12.20 -15.62
CA PRO A 52 -19.37 -12.57 -16.99
C PRO A 52 -19.57 -14.15 -17.24
N LYS A 53 -19.35 -15.01 -16.23
CA LYS A 53 -19.59 -16.44 -16.36
C LYS A 53 -20.98 -16.70 -15.94
N LYS A 54 -21.69 -15.96 -15.02
CA LYS A 54 -23.00 -16.13 -14.49
C LYS A 54 -24.11 -16.07 -15.50
N LYS A 55 -25.20 -16.84 -15.28
CA LYS A 55 -26.41 -16.93 -16.08
C LYS A 55 -27.18 -15.62 -16.12
N ASP A 1 12.60 4.17 8.23
CA ASP A 1 11.90 4.58 9.44
C ASP A 1 12.65 5.82 9.97
N ALA A 2 11.94 6.93 10.13
CA ALA A 2 12.46 8.13 10.76
C ALA A 2 13.24 7.88 12.06
N GLU A 3 12.85 6.90 12.90
CA GLU A 3 13.41 6.61 14.21
C GLU A 3 14.82 5.84 14.18
N PHE A 4 15.32 5.53 12.94
CA PHE A 4 16.57 4.80 12.75
C PHE A 4 17.27 5.34 11.49
N ARG A 5 16.50 5.67 10.40
CA ARG A 5 16.86 6.44 9.17
C ARG A 5 17.79 5.74 8.15
N HIS A 6 18.69 4.88 8.68
CA HIS A 6 19.67 3.97 7.87
C HIS A 6 18.91 2.86 7.18
N ASP A 7 19.48 2.34 6.08
CA ASP A 7 19.05 1.08 5.49
C ASP A 7 19.88 -0.10 6.04
N SER A 8 21.17 0.06 6.34
CA SER A 8 22.05 -1.13 6.53
C SER A 8 21.66 -1.83 7.80
N GLY A 9 21.66 -3.18 7.88
CA GLY A 9 21.17 -3.93 9.00
C GLY A 9 19.67 -3.90 9.25
N TYR A 10 18.83 -3.09 8.50
CA TYR A 10 17.39 -3.07 8.60
C TYR A 10 16.58 -3.72 7.42
N GLU A 11 16.85 -3.43 6.17
CA GLU A 11 16.03 -3.79 5.01
C GLU A 11 16.25 -5.28 4.58
N VAL A 12 16.89 -6.04 5.40
CA VAL A 12 16.93 -7.49 5.51
C VAL A 12 15.57 -8.03 5.87
N HIS A 13 14.68 -7.15 6.40
CA HIS A 13 13.36 -7.61 6.91
C HIS A 13 12.37 -8.08 5.79
N HIS A 14 11.51 -9.06 6.16
CA HIS A 14 10.68 -9.79 5.22
C HIS A 14 9.76 -8.94 4.31
N GLN A 15 9.34 -9.45 3.19
CA GLN A 15 8.29 -8.93 2.29
C GLN A 15 6.82 -8.88 2.85
N LYS A 16 6.10 -7.82 2.58
CA LYS A 16 4.75 -7.59 3.22
C LYS A 16 3.97 -6.63 2.25
N LEU A 17 2.63 -6.88 2.13
CA LEU A 17 1.60 -6.26 1.19
C LEU A 17 1.63 -4.73 1.26
N VAL A 18 1.84 -4.14 2.43
CA VAL A 18 1.96 -2.71 2.70
C VAL A 18 3.07 -2.04 1.87
N PHE A 19 4.15 -2.74 1.48
CA PHE A 19 5.21 -2.07 0.68
C PHE A 19 4.79 -1.43 -0.64
N PHE A 20 3.72 -1.93 -1.19
CA PHE A 20 3.06 -1.31 -2.35
C PHE A 20 2.38 0.11 -2.06
N ALA A 21 1.97 0.36 -0.77
CA ALA A 21 1.39 1.69 -0.32
C ALA A 21 2.48 2.52 0.41
N GLU A 22 3.51 1.91 1.03
CA GLU A 22 4.61 2.55 1.68
C GLU A 22 5.42 3.25 0.57
N ASP A 23 5.44 2.83 -0.69
CA ASP A 23 6.24 3.49 -1.76
C ASP A 23 5.54 4.67 -2.41
N VAL A 24 4.18 4.77 -2.31
CA VAL A 24 3.44 5.88 -2.89
C VAL A 24 2.75 6.86 -1.86
N GLY A 25 2.62 6.47 -0.55
CA GLY A 25 2.18 7.35 0.57
C GLY A 25 3.23 7.86 1.52
N SER A 26 3.07 9.12 1.91
CA SER A 26 3.88 9.87 2.86
C SER A 26 3.57 9.74 4.35
N ASN A 27 2.37 9.29 4.72
CA ASN A 27 1.96 9.01 6.14
C ASN A 27 1.09 7.79 6.28
N LYS A 28 1.04 7.17 7.47
CA LYS A 28 0.32 5.92 7.84
C LYS A 28 -1.13 5.93 7.38
N GLY A 29 -1.79 7.11 7.52
CA GLY A 29 -3.18 7.29 7.16
C GLY A 29 -3.48 7.10 5.66
N ALA A 30 -2.65 7.78 4.88
CA ALA A 30 -2.66 7.73 3.44
C ALA A 30 -2.27 6.36 2.97
N ILE A 31 -1.26 5.76 3.61
CA ILE A 31 -0.83 4.34 3.34
C ILE A 31 -2.01 3.33 3.60
N ILE A 32 -2.76 3.51 4.74
CA ILE A 32 -3.91 2.67 5.06
C ILE A 32 -5.02 2.82 3.97
N GLY A 33 -5.15 4.07 3.46
CA GLY A 33 -6.15 4.49 2.45
C GLY A 33 -5.83 3.86 1.03
N LEU A 34 -4.56 3.81 0.63
CA LEU A 34 -4.08 3.05 -0.53
C LEU A 34 -4.29 1.53 -0.26
N MET A 35 -4.20 1.00 0.93
CA MET A 35 -4.61 -0.34 1.22
C MET A 35 -6.15 -0.62 1.13
N VAL A 36 -7.08 0.16 1.66
CA VAL A 36 -8.49 0.29 1.22
C VAL A 36 -8.57 0.25 -0.30
N GLY A 37 -7.90 1.19 -0.94
CA GLY A 37 -7.77 1.29 -2.43
C GLY A 37 -7.52 -0.11 -3.13
N GLY A 38 -6.39 -0.79 -2.68
CA GLY A 38 -5.83 -2.11 -2.95
C GLY A 38 -6.77 -3.20 -3.01
N VAL A 39 -7.50 -3.43 -1.91
CA VAL A 39 -8.60 -4.50 -1.73
C VAL A 39 -9.84 -4.06 -2.54
N VAL A 40 -10.15 -2.76 -2.66
CA VAL A 40 -11.17 -2.29 -3.68
C VAL A 40 -10.81 -2.49 -5.14
N ILE A 41 -9.57 -2.14 -5.63
CA ILE A 41 -9.25 -2.57 -6.96
C ILE A 41 -9.11 -4.08 -7.11
N ALA A 42 -8.59 -4.80 -6.13
CA ALA A 42 -8.48 -6.27 -6.14
C ALA A 42 -9.83 -6.91 -6.41
N THR A 43 -10.89 -6.27 -5.82
CA THR A 43 -12.28 -6.74 -6.00
C THR A 43 -12.73 -6.54 -7.44
N VAL A 44 -12.39 -5.45 -8.14
CA VAL A 44 -12.85 -5.19 -9.49
C VAL A 44 -12.04 -6.11 -10.41
N ILE A 45 -10.75 -6.39 -10.18
CA ILE A 45 -10.05 -7.43 -10.93
C ILE A 45 -10.62 -8.81 -10.74
N VAL A 46 -10.96 -9.22 -9.50
CA VAL A 46 -11.60 -10.52 -9.25
C VAL A 46 -13.05 -10.67 -9.74
N ILE A 47 -13.91 -9.68 -9.52
CA ILE A 47 -15.33 -9.84 -9.93
C ILE A 47 -15.53 -9.86 -11.42
N THR A 48 -14.63 -9.17 -12.14
CA THR A 48 -14.55 -9.18 -13.66
C THR A 48 -13.92 -10.40 -14.21
N LEU A 49 -13.22 -11.21 -13.40
CA LEU A 49 -12.65 -12.53 -13.86
C LEU A 49 -13.78 -13.64 -13.58
N VAL A 50 -14.32 -13.59 -12.34
CA VAL A 50 -15.31 -14.60 -11.87
C VAL A 50 -16.61 -14.45 -12.55
N MET A 51 -17.35 -13.28 -12.40
CA MET A 51 -18.72 -13.07 -12.93
C MET A 51 -18.85 -13.18 -14.40
N PRO A 52 -18.13 -12.48 -15.24
CA PRO A 52 -18.19 -12.65 -16.72
C PRO A 52 -17.84 -14.08 -17.17
N LYS A 53 -16.95 -14.85 -16.51
CA LYS A 53 -16.60 -16.22 -16.94
C LYS A 53 -17.69 -17.21 -16.47
N LYS A 54 -18.07 -17.16 -15.18
CA LYS A 54 -19.02 -18.10 -14.54
C LYS A 54 -20.32 -18.19 -15.37
N LYS A 55 -20.83 -17.07 -15.91
CA LYS A 55 -22.00 -16.98 -16.80
C LYS A 55 -21.90 -17.53 -18.23
N ASP A 1 17.70 20.37 12.07
CA ASP A 1 17.61 19.17 11.21
C ASP A 1 19.01 18.54 10.98
N ALA A 2 20.01 19.34 10.63
CA ALA A 2 21.42 19.00 10.41
C ALA A 2 22.16 18.36 11.65
N GLU A 3 21.52 18.29 12.83
CA GLU A 3 22.06 17.58 13.97
C GLU A 3 21.78 16.04 14.04
N PHE A 4 20.75 15.65 13.34
CA PHE A 4 20.47 14.24 13.33
C PHE A 4 21.18 13.42 12.22
N ARG A 5 20.74 12.17 12.08
CA ARG A 5 21.05 11.20 11.05
C ARG A 5 20.90 11.94 9.64
N HIS A 6 22.01 12.01 8.97
CA HIS A 6 22.00 12.87 7.76
C HIS A 6 21.40 12.16 6.51
N ASP A 7 21.27 12.90 5.38
CA ASP A 7 20.44 12.29 4.34
C ASP A 7 20.97 10.93 3.77
N SER A 8 22.35 10.86 3.63
CA SER A 8 23.16 9.70 3.48
C SER A 8 23.23 8.75 4.66
N GLY A 9 22.83 9.17 5.85
CA GLY A 9 22.76 8.34 7.10
C GLY A 9 21.49 7.45 7.12
N TYR A 10 20.41 8.00 6.56
CA TYR A 10 19.14 7.26 6.28
C TYR A 10 19.40 6.40 5.02
N GLU A 11 20.08 6.93 3.98
CA GLU A 11 20.21 6.31 2.65
C GLU A 11 20.87 4.88 2.62
N VAL A 12 21.56 4.45 3.66
CA VAL A 12 22.13 3.10 3.69
C VAL A 12 21.15 1.99 4.08
N HIS A 13 20.04 2.34 4.67
CA HIS A 13 19.01 1.39 5.13
C HIS A 13 18.21 0.71 4.02
N HIS A 14 17.81 -0.49 4.36
CA HIS A 14 17.14 -1.49 3.53
C HIS A 14 15.66 -1.14 3.27
N GLN A 15 15.13 -1.63 2.17
CA GLN A 15 13.73 -1.43 1.85
C GLN A 15 12.68 -1.83 2.95
N LYS A 16 11.83 -0.93 3.39
CA LYS A 16 10.43 -1.15 3.94
C LYS A 16 9.30 -0.97 2.89
N LEU A 17 8.31 -1.83 2.93
CA LEU A 17 7.19 -1.75 1.91
C LEU A 17 6.39 -0.43 2.23
N VAL A 18 6.48 0.11 3.48
CA VAL A 18 5.60 1.25 3.89
C VAL A 18 5.85 2.47 3.00
N PHE A 19 7.07 2.60 2.50
CA PHE A 19 7.66 3.66 1.76
C PHE A 19 6.89 4.03 0.42
N PHE A 20 6.34 3.03 -0.28
CA PHE A 20 5.60 3.22 -1.54
C PHE A 20 4.19 3.80 -1.40
N ALA A 21 3.58 3.56 -0.29
CA ALA A 21 2.45 4.35 0.16
C ALA A 21 2.81 5.70 0.95
N GLU A 22 3.97 5.76 1.55
CA GLU A 22 4.32 6.92 2.36
C GLU A 22 4.89 8.08 1.49
N ASP A 23 5.50 7.81 0.27
CA ASP A 23 5.80 8.74 -0.81
C ASP A 23 4.58 9.50 -1.42
N VAL A 24 3.39 9.00 -1.23
CA VAL A 24 2.16 9.76 -1.51
C VAL A 24 1.62 10.65 -0.30
N GLY A 25 2.04 10.34 0.90
CA GLY A 25 1.52 10.91 2.14
C GLY A 25 2.24 10.47 3.43
N SER A 26 2.57 11.32 4.42
CA SER A 26 3.15 10.96 5.74
C SER A 26 2.19 10.30 6.73
N ASN A 27 0.89 10.54 6.63
CA ASN A 27 -0.07 10.09 7.65
C ASN A 27 -0.68 8.66 7.41
N LYS A 28 -1.06 7.90 8.51
CA LYS A 28 -1.70 6.61 8.38
C LYS A 28 -3.01 6.63 7.60
N GLY A 29 -3.54 7.81 7.39
CA GLY A 29 -4.66 8.08 6.55
C GLY A 29 -4.39 7.82 5.05
N ALA A 30 -3.15 8.11 4.61
CA ALA A 30 -2.65 7.62 3.31
C ALA A 30 -2.37 6.15 3.21
N ILE A 31 -1.60 5.62 4.17
CA ILE A 31 -1.20 4.18 4.25
C ILE A 31 -2.39 3.22 4.26
N ILE A 32 -3.43 3.57 5.01
CA ILE A 32 -4.74 2.92 5.07
C ILE A 32 -5.60 3.08 3.86
N GLY A 33 -5.75 4.30 3.37
CA GLY A 33 -6.49 4.69 2.24
C GLY A 33 -5.91 4.11 0.91
N LEU A 34 -4.57 3.94 0.76
CA LEU A 34 -3.86 3.29 -0.35
C LEU A 34 -3.94 1.73 -0.26
N MET A 35 -3.87 1.30 1.02
CA MET A 35 -4.07 -0.14 1.37
C MET A 35 -5.47 -0.69 1.11
N VAL A 36 -6.49 -0.02 1.65
CA VAL A 36 -7.87 -0.29 1.27
C VAL A 36 -8.12 0.00 -0.20
N GLY A 37 -7.54 1.04 -0.89
CA GLY A 37 -7.91 1.25 -2.35
C GLY A 37 -7.28 0.24 -3.23
N GLY A 38 -6.12 -0.32 -2.74
CA GLY A 38 -5.54 -1.51 -3.38
C GLY A 38 -6.37 -2.80 -3.33
N VAL A 39 -6.97 -3.13 -2.18
CA VAL A 39 -7.84 -4.34 -2.14
C VAL A 39 -9.13 -4.18 -2.87
N VAL A 40 -9.74 -3.01 -2.91
CA VAL A 40 -10.81 -2.63 -3.86
C VAL A 40 -10.50 -2.86 -5.37
N ILE A 41 -9.30 -2.45 -5.82
CA ILE A 41 -8.96 -2.72 -7.23
C ILE A 41 -8.92 -4.30 -7.53
N ALA A 42 -8.31 -5.09 -6.69
CA ALA A 42 -8.34 -6.52 -6.59
C ALA A 42 -9.78 -7.16 -6.41
N THR A 43 -10.63 -6.45 -5.71
CA THR A 43 -12.09 -6.80 -5.71
C THR A 43 -12.74 -6.54 -7.10
N VAL A 44 -12.61 -5.37 -7.67
CA VAL A 44 -13.17 -5.16 -8.94
C VAL A 44 -12.60 -6.11 -10.00
N ILE A 45 -11.31 -6.39 -9.94
CA ILE A 45 -10.66 -7.27 -10.93
C ILE A 45 -11.31 -8.70 -10.77
N VAL A 46 -11.55 -9.16 -9.55
CA VAL A 46 -12.24 -10.47 -9.32
C VAL A 46 -13.67 -10.48 -9.75
N ILE A 47 -14.43 -9.38 -9.62
CA ILE A 47 -15.81 -9.35 -10.06
C ILE A 47 -15.91 -9.27 -11.56
N THR A 48 -15.28 -8.28 -12.08
CA THR A 48 -15.37 -8.02 -13.58
C THR A 48 -14.65 -9.08 -14.37
N LEU A 49 -13.73 -9.89 -13.82
CA LEU A 49 -12.95 -10.78 -14.64
C LEU A 49 -12.81 -12.26 -14.13
N VAL A 50 -12.52 -12.50 -12.80
CA VAL A 50 -12.18 -13.83 -12.33
C VAL A 50 -13.41 -14.78 -12.03
N MET A 51 -14.49 -14.15 -11.56
CA MET A 51 -15.75 -14.93 -11.37
C MET A 51 -16.35 -15.34 -12.75
N PRO A 52 -16.18 -14.58 -13.87
CA PRO A 52 -16.46 -14.96 -15.20
C PRO A 52 -15.81 -16.29 -15.70
N LYS A 53 -14.71 -16.74 -15.06
CA LYS A 53 -14.11 -18.04 -15.32
C LYS A 53 -15.14 -19.16 -15.09
N LYS A 54 -16.29 -18.86 -14.41
CA LYS A 54 -17.41 -19.88 -14.37
C LYS A 54 -18.15 -20.23 -15.67
N LYS A 55 -18.03 -19.48 -16.77
CA LYS A 55 -18.55 -19.83 -18.10
C LYS A 55 -17.78 -20.97 -18.72
N ASP A 1 7.19 16.60 -3.98
CA ASP A 1 7.34 15.49 -3.07
C ASP A 1 8.27 14.40 -3.47
N ALA A 2 8.10 13.76 -4.62
CA ALA A 2 9.07 12.71 -4.99
C ALA A 2 10.62 13.07 -5.11
N GLU A 3 11.02 14.30 -5.49
CA GLU A 3 12.39 14.89 -5.37
C GLU A 3 13.12 15.06 -4.02
N PHE A 4 14.41 15.39 -3.96
CA PHE A 4 15.26 15.24 -2.81
C PHE A 4 14.93 16.16 -1.58
N ARG A 5 13.95 17.10 -1.76
CA ARG A 5 13.43 18.05 -0.71
C ARG A 5 14.41 19.07 0.01
N HIS A 6 15.75 18.90 -0.15
CA HIS A 6 16.81 19.66 0.52
C HIS A 6 18.15 19.70 -0.28
N ASP A 7 18.88 20.79 -0.05
CA ASP A 7 20.15 21.24 -0.72
C ASP A 7 20.11 21.56 -2.25
N SER A 8 20.79 22.60 -2.73
CA SER A 8 20.64 23.04 -4.11
C SER A 8 21.76 22.44 -5.02
N GLY A 9 22.79 21.81 -4.52
CA GLY A 9 23.78 21.09 -5.33
C GLY A 9 23.16 20.14 -6.32
N TYR A 10 23.28 20.44 -7.68
CA TYR A 10 22.66 19.67 -8.73
C TYR A 10 21.15 19.43 -8.67
N GLU A 11 20.40 20.54 -8.75
CA GLU A 11 19.04 20.67 -8.37
C GLU A 11 18.06 19.88 -9.25
N VAL A 12 17.01 19.25 -8.60
CA VAL A 12 15.95 18.51 -9.32
C VAL A 12 14.66 19.29 -9.50
N HIS A 13 14.02 19.11 -10.71
CA HIS A 13 12.70 19.69 -10.94
C HIS A 13 11.61 19.12 -9.97
N HIS A 14 10.69 19.94 -9.41
CA HIS A 14 9.67 19.43 -8.37
C HIS A 14 8.63 18.45 -9.09
N GLN A 15 8.28 17.43 -8.28
CA GLN A 15 7.40 16.36 -8.69
C GLN A 15 6.26 16.03 -7.67
N LYS A 16 5.04 15.76 -8.18
CA LYS A 16 3.91 15.29 -7.30
C LYS A 16 3.55 13.81 -7.63
N LEU A 17 3.80 12.91 -6.67
CA LEU A 17 3.42 11.45 -6.60
C LEU A 17 3.07 11.01 -5.20
N VAL A 18 4.01 11.38 -4.35
CA VAL A 18 4.15 10.99 -2.90
C VAL A 18 3.15 11.76 -1.98
N PHE A 19 1.91 11.98 -2.49
CA PHE A 19 0.83 12.79 -1.93
C PHE A 19 0.42 12.38 -0.45
N PHE A 20 0.45 11.09 -0.12
CA PHE A 20 0.36 10.55 1.29
C PHE A 20 1.50 10.86 2.24
N ALA A 21 2.53 11.59 1.85
CA ALA A 21 3.51 12.14 2.72
C ALA A 21 3.18 13.63 3.03
N GLU A 22 2.37 14.25 2.19
CA GLU A 22 2.26 15.71 2.23
C GLU A 22 0.90 16.19 2.53
N ASP A 23 -0.14 15.87 1.74
CA ASP A 23 -1.46 16.53 1.71
C ASP A 23 -2.50 15.96 2.67
N VAL A 24 -1.94 15.25 3.68
CA VAL A 24 -2.84 14.44 4.55
C VAL A 24 -2.43 14.57 6.05
N GLY A 25 -3.31 14.26 6.96
CA GLY A 25 -3.15 14.46 8.41
C GLY A 25 -2.26 13.52 9.13
N SER A 26 -2.73 12.26 9.17
CA SER A 26 -1.91 11.07 9.41
C SER A 26 -1.35 10.54 8.10
N ASN A 27 -0.07 10.53 8.00
CA ASN A 27 0.40 9.85 6.87
C ASN A 27 0.18 8.35 6.95
N LYS A 28 0.12 7.67 8.11
CA LYS A 28 -0.25 6.25 8.28
C LYS A 28 -1.77 6.04 7.87
N GLY A 29 -2.61 7.02 8.12
CA GLY A 29 -4.02 6.86 7.86
C GLY A 29 -4.36 7.03 6.37
N ALA A 30 -3.39 7.69 5.69
CA ALA A 30 -3.43 7.74 4.28
C ALA A 30 -2.89 6.43 3.69
N ILE A 31 -1.89 5.77 4.30
CA ILE A 31 -1.27 4.55 3.76
C ILE A 31 -2.23 3.35 3.91
N ILE A 32 -2.99 3.28 5.06
CA ILE A 32 -4.07 2.30 5.32
C ILE A 32 -5.17 2.54 4.28
N GLY A 33 -5.38 3.84 3.98
CA GLY A 33 -6.17 4.38 2.90
C GLY A 33 -5.75 3.78 1.54
N LEU A 34 -4.46 3.84 1.20
CA LEU A 34 -3.90 3.37 -0.04
C LEU A 34 -4.07 1.83 -0.23
N MET A 35 -3.86 1.17 0.84
CA MET A 35 -4.13 -0.33 0.91
C MET A 35 -5.64 -0.69 0.66
N VAL A 36 -6.50 0.14 1.27
CA VAL A 36 -7.94 0.03 1.07
C VAL A 36 -8.30 0.27 -0.39
N GLY A 37 -7.69 1.25 -1.01
CA GLY A 37 -7.87 1.38 -2.47
C GLY A 37 -7.29 0.23 -3.27
N GLY A 38 -6.09 -0.32 -2.91
CA GLY A 38 -5.55 -1.57 -3.48
C GLY A 38 -6.60 -2.65 -3.44
N VAL A 39 -7.28 -2.81 -2.32
CA VAL A 39 -8.24 -3.90 -2.00
C VAL A 39 -9.54 -3.72 -2.86
N VAL A 40 -10.03 -2.49 -2.96
CA VAL A 40 -10.98 -2.19 -3.99
C VAL A 40 -10.55 -2.64 -5.37
N ILE A 41 -9.39 -2.27 -5.93
CA ILE A 41 -9.00 -2.71 -7.25
C ILE A 41 -8.94 -4.25 -7.36
N ALA A 42 -8.48 -4.99 -6.34
CA ALA A 42 -8.47 -6.44 -6.27
C ALA A 42 -9.89 -7.02 -6.30
N THR A 43 -10.93 -6.39 -5.78
CA THR A 43 -12.24 -6.90 -5.86
C THR A 43 -12.86 -6.66 -7.25
N VAL A 44 -12.49 -5.52 -7.95
CA VAL A 44 -12.81 -5.33 -9.40
C VAL A 44 -12.30 -6.47 -10.22
N ILE A 45 -11.02 -6.77 -9.99
CA ILE A 45 -10.39 -7.99 -10.57
C ILE A 45 -11.21 -9.29 -10.23
N VAL A 46 -11.58 -9.59 -8.99
CA VAL A 46 -12.44 -10.85 -8.75
C VAL A 46 -13.75 -10.72 -9.59
N ILE A 47 -14.44 -9.59 -9.61
CA ILE A 47 -15.81 -9.58 -10.24
C ILE A 47 -15.85 -9.38 -11.81
N THR A 48 -14.72 -9.06 -12.42
CA THR A 48 -14.46 -9.11 -13.84
C THR A 48 -13.87 -10.50 -14.28
N LEU A 49 -13.00 -11.12 -13.42
CA LEU A 49 -12.31 -12.41 -13.78
C LEU A 49 -13.01 -13.65 -13.27
N VAL A 50 -13.50 -13.62 -12.06
CA VAL A 50 -14.10 -14.82 -11.36
C VAL A 50 -15.63 -14.87 -11.48
N MET A 51 -16.33 -13.79 -11.36
CA MET A 51 -17.77 -13.83 -11.14
C MET A 51 -18.76 -14.14 -12.32
N PRO A 52 -18.45 -13.86 -13.60
CA PRO A 52 -19.25 -14.31 -14.71
C PRO A 52 -19.06 -15.79 -14.93
N LYS A 53 -19.78 -16.71 -14.26
CA LYS A 53 -19.73 -18.17 -14.60
C LYS A 53 -20.60 -18.52 -15.78
N LYS A 54 -21.61 -17.72 -16.18
CA LYS A 54 -22.59 -17.92 -17.33
C LYS A 54 -23.41 -19.21 -17.25
N LYS A 55 -23.62 -19.56 -15.98
CA LYS A 55 -24.69 -20.33 -15.42
C LYS A 55 -24.89 -19.85 -13.95
N ASP A 1 18.55 12.35 8.42
CA ASP A 1 17.10 12.42 8.88
C ASP A 1 16.85 13.49 9.99
N ALA A 2 16.24 14.62 9.68
CA ALA A 2 15.97 15.75 10.57
C ALA A 2 14.87 15.38 11.58
N GLU A 3 14.24 14.13 11.62
CA GLU A 3 13.34 13.65 12.67
C GLU A 3 14.07 12.75 13.77
N PHE A 4 15.29 12.40 13.49
CA PHE A 4 16.20 11.53 14.23
C PHE A 4 15.71 10.08 14.30
N ARG A 5 16.47 9.13 13.77
CA ARG A 5 16.09 7.76 13.50
C ARG A 5 15.94 6.94 14.79
N HIS A 6 16.88 7.01 15.77
CA HIS A 6 16.80 6.24 17.04
C HIS A 6 16.66 4.68 16.85
N ASP A 7 17.06 4.21 15.71
CA ASP A 7 17.26 2.80 15.33
C ASP A 7 18.53 2.14 15.69
N SER A 8 19.59 2.88 15.93
CA SER A 8 20.90 2.40 16.29
C SER A 8 20.99 1.90 17.76
N GLY A 9 21.01 0.59 17.99
CA GLY A 9 20.62 -0.03 19.28
C GLY A 9 19.75 -1.26 19.16
N TYR A 10 19.03 -1.62 20.24
CA TYR A 10 18.34 -2.89 20.44
C TYR A 10 17.01 -2.68 21.21
N GLU A 11 16.09 -3.58 20.85
CA GLU A 11 14.66 -3.62 21.33
C GLU A 11 13.94 -2.38 20.71
N VAL A 12 14.54 -1.34 20.16
CA VAL A 12 14.00 -0.31 19.29
C VAL A 12 13.30 -0.66 17.95
N HIS A 13 12.75 -1.87 17.89
CA HIS A 13 12.23 -2.47 16.59
C HIS A 13 10.82 -1.91 16.16
N HIS A 14 10.60 -0.61 16.46
CA HIS A 14 9.34 0.12 16.24
C HIS A 14 9.13 0.45 14.76
N GLN A 15 10.14 0.21 13.90
CA GLN A 15 10.11 0.68 12.45
C GLN A 15 9.05 -0.07 11.59
N LYS A 16 8.70 -1.35 11.95
CA LYS A 16 7.52 -2.02 11.48
C LYS A 16 6.23 -1.16 11.80
N LEU A 17 5.11 -1.59 11.17
CA LEU A 17 3.66 -1.15 11.36
C LEU A 17 3.44 0.28 10.77
N VAL A 18 2.19 0.68 10.53
CA VAL A 18 1.69 1.84 9.82
C VAL A 18 2.28 2.02 8.39
N PHE A 19 3.57 2.13 8.25
CA PHE A 19 4.26 2.43 6.95
C PHE A 19 4.86 1.14 6.40
N PHE A 20 4.84 0.95 5.03
CA PHE A 20 5.46 -0.16 4.27
C PHE A 20 6.97 -0.02 4.43
N ALA A 21 7.43 1.19 4.33
CA ALA A 21 8.75 1.69 4.71
C ALA A 21 8.69 3.24 4.84
N GLU A 22 8.70 3.85 6.01
CA GLU A 22 8.58 5.32 6.16
C GLU A 22 9.42 6.15 5.27
N ASP A 23 10.64 5.70 4.92
CA ASP A 23 11.53 6.26 3.99
C ASP A 23 11.20 6.09 2.51
N VAL A 24 10.25 5.22 2.09
CA VAL A 24 9.51 5.27 0.81
C VAL A 24 8.44 6.36 0.86
N GLY A 25 7.74 6.46 1.98
CA GLY A 25 6.50 7.33 2.12
C GLY A 25 6.06 7.28 3.53
N SER A 26 5.83 8.52 4.04
CA SER A 26 5.44 8.88 5.43
C SER A 26 4.08 9.58 5.61
N ASN A 27 3.21 9.53 4.56
CA ASN A 27 1.83 10.05 4.59
C ASN A 27 0.81 9.04 5.09
N LYS A 28 0.47 9.06 6.40
CA LYS A 28 -0.31 7.98 7.04
C LYS A 28 -1.70 7.76 6.36
N GLY A 29 -2.42 8.86 6.16
CA GLY A 29 -3.62 8.76 5.34
C GLY A 29 -3.52 8.33 3.82
N ALA A 30 -2.45 8.64 3.10
CA ALA A 30 -2.28 8.02 1.76
C ALA A 30 -2.15 6.49 1.99
N ILE A 31 -1.29 6.14 2.88
CA ILE A 31 -0.98 4.73 3.18
C ILE A 31 -2.21 3.87 3.62
N ILE A 32 -3.05 4.39 4.44
CA ILE A 32 -4.24 3.74 4.96
C ILE A 32 -5.33 3.71 3.88
N GLY A 33 -5.41 4.73 3.02
CA GLY A 33 -6.23 4.80 1.81
C GLY A 33 -5.83 3.66 0.86
N LEU A 34 -4.55 3.47 0.60
CA LEU A 34 -3.97 2.41 -0.30
C LEU A 34 -4.28 0.96 0.17
N MET A 35 -3.96 0.70 1.46
CA MET A 35 -4.24 -0.57 2.07
C MET A 35 -5.70 -1.01 2.14
N VAL A 36 -6.64 -0.09 2.49
CA VAL A 36 -8.08 -0.32 2.29
C VAL A 36 -8.51 -0.41 0.86
N GLY A 37 -8.13 0.62 0.02
CA GLY A 37 -8.60 0.61 -1.43
C GLY A 37 -7.98 -0.52 -2.30
N GLY A 38 -6.86 -1.10 -1.89
CA GLY A 38 -6.11 -2.07 -2.65
C GLY A 38 -6.89 -3.38 -2.71
N VAL A 39 -7.55 -3.76 -1.62
CA VAL A 39 -8.52 -4.89 -1.54
C VAL A 39 -9.62 -4.72 -2.49
N VAL A 40 -10.19 -3.52 -2.56
CA VAL A 40 -11.24 -2.93 -3.48
C VAL A 40 -10.87 -2.89 -4.96
N ILE A 41 -9.66 -2.50 -5.25
CA ILE A 41 -9.10 -2.48 -6.61
C ILE A 41 -8.90 -3.94 -7.10
N ALA A 42 -8.40 -4.77 -6.24
CA ALA A 42 -8.21 -6.19 -6.65
C ALA A 42 -9.59 -6.90 -6.77
N THR A 43 -10.54 -6.65 -5.88
CA THR A 43 -11.90 -7.20 -5.99
C THR A 43 -12.60 -6.81 -7.33
N VAL A 44 -12.36 -5.61 -7.85
CA VAL A 44 -12.79 -5.12 -9.13
C VAL A 44 -12.28 -6.02 -10.30
N ILE A 45 -10.99 -6.38 -10.25
CA ILE A 45 -10.26 -7.39 -11.06
C ILE A 45 -10.74 -8.82 -10.83
N VAL A 46 -11.28 -9.19 -9.66
CA VAL A 46 -11.95 -10.48 -9.52
C VAL A 46 -13.23 -10.45 -10.37
N ILE A 47 -14.05 -9.44 -10.18
CA ILE A 47 -15.43 -9.31 -10.75
C ILE A 47 -15.38 -9.19 -12.31
N THR A 48 -14.41 -8.38 -12.82
CA THR A 48 -14.28 -8.06 -14.25
C THR A 48 -13.71 -9.05 -15.21
N LEU A 49 -12.80 -9.88 -14.67
CA LEU A 49 -12.01 -10.77 -15.45
C LEU A 49 -11.83 -12.19 -14.93
N VAL A 50 -11.76 -12.39 -13.63
CA VAL A 50 -11.55 -13.66 -12.98
C VAL A 50 -12.87 -14.51 -12.84
N MET A 51 -13.95 -13.91 -12.34
CA MET A 51 -15.27 -14.60 -12.28
C MET A 51 -15.93 -14.99 -13.60
N PRO A 52 -15.87 -14.25 -14.73
CA PRO A 52 -16.36 -14.78 -16.02
C PRO A 52 -15.59 -16.04 -16.48
N LYS A 53 -14.27 -16.03 -16.09
CA LYS A 53 -13.28 -17.01 -16.64
C LYS A 53 -13.37 -18.37 -16.04
N LYS A 54 -13.80 -18.39 -14.81
CA LYS A 54 -14.07 -19.62 -14.02
C LYS A 54 -15.08 -20.55 -14.82
N LYS A 55 -14.68 -21.76 -15.24
CA LYS A 55 -15.59 -22.69 -15.89
C LYS A 55 -15.39 -24.15 -15.51
N ASP A 1 16.40 19.93 1.37
CA ASP A 1 16.23 18.54 1.70
C ASP A 1 14.89 18.50 2.56
N ALA A 2 14.26 17.34 2.60
CA ALA A 2 13.11 16.90 3.45
C ALA A 2 13.57 16.65 4.93
N GLU A 3 12.63 16.49 5.92
CA GLU A 3 13.01 16.43 7.31
C GLU A 3 13.70 15.10 7.60
N PHE A 4 14.64 15.13 8.62
CA PHE A 4 15.72 14.12 8.90
C PHE A 4 15.28 13.10 9.97
N ARG A 5 15.74 11.83 9.79
CA ARG A 5 15.53 10.64 10.61
C ARG A 5 16.62 9.59 10.72
N HIS A 6 17.81 9.78 10.11
CA HIS A 6 18.86 8.78 9.94
C HIS A 6 18.45 7.55 9.10
N ASP A 7 17.68 7.77 8.03
CA ASP A 7 17.28 6.63 7.22
C ASP A 7 18.37 5.72 6.54
N SER A 8 19.50 6.19 6.11
CA SER A 8 20.68 5.42 5.65
C SER A 8 21.26 4.50 6.76
N GLY A 9 20.90 4.72 8.07
CA GLY A 9 21.31 3.89 9.20
C GLY A 9 20.56 2.54 9.28
N TYR A 10 19.39 2.41 8.64
CA TYR A 10 18.65 1.19 8.53
C TYR A 10 18.42 0.41 9.81
N GLU A 11 18.07 1.05 10.86
CA GLU A 11 17.53 0.43 12.07
C GLU A 11 16.14 -0.19 11.88
N VAL A 12 15.87 -1.36 12.43
CA VAL A 12 14.75 -2.15 11.84
C VAL A 12 13.36 -1.71 12.28
N HIS A 13 13.25 -1.14 13.49
CA HIS A 13 12.07 -0.53 14.16
C HIS A 13 11.18 0.40 13.30
N HIS A 14 11.73 1.35 12.57
CA HIS A 14 10.98 2.26 11.64
C HIS A 14 10.53 1.68 10.31
N GLN A 15 11.04 0.49 9.86
CA GLN A 15 10.69 -0.05 8.50
C GLN A 15 9.51 -1.03 8.62
N LYS A 16 9.03 -1.31 9.83
CA LYS A 16 7.95 -2.34 10.09
C LYS A 16 6.52 -1.98 9.62
N LEU A 17 5.69 -3.02 9.51
CA LEU A 17 4.19 -2.88 9.41
C LEU A 17 3.54 -2.20 8.16
N VAL A 18 4.10 -1.03 7.77
CA VAL A 18 3.32 -0.04 6.98
C VAL A 18 4.31 0.84 6.21
N PHE A 19 5.50 1.24 6.79
CA PHE A 19 6.45 2.13 6.18
C PHE A 19 7.58 1.54 5.39
N PHE A 20 7.24 0.53 4.59
CA PHE A 20 8.24 -0.31 3.98
C PHE A 20 9.03 0.42 2.83
N ALA A 21 8.21 1.37 2.26
CA ALA A 21 8.78 2.29 1.28
C ALA A 21 8.82 3.68 1.87
N GLU A 22 9.97 4.37 1.96
CA GLU A 22 10.16 5.72 2.61
C GLU A 22 9.56 6.85 1.72
N ASP A 23 10.09 6.99 0.49
CA ASP A 23 9.65 7.96 -0.47
C ASP A 23 8.20 7.98 -0.93
N VAL A 24 7.35 7.08 -0.42
CA VAL A 24 5.96 7.11 -0.69
C VAL A 24 5.23 7.71 0.49
N GLY A 25 5.69 7.63 1.73
CA GLY A 25 4.98 8.42 2.88
C GLY A 25 5.28 7.95 4.26
N SER A 26 4.76 8.67 5.30
CA SER A 26 5.11 8.58 6.74
C SER A 26 3.90 8.82 7.66
N ASN A 27 2.71 9.04 7.09
CA ASN A 27 1.41 8.90 7.77
C ASN A 27 0.95 7.44 7.77
N LYS A 28 0.42 6.91 8.85
CA LYS A 28 -0.18 5.55 8.94
C LYS A 28 -1.50 5.38 8.25
N GLY A 29 -2.52 6.12 8.61
CA GLY A 29 -3.97 6.08 8.18
C GLY A 29 -4.21 6.37 6.72
N ALA A 30 -3.51 7.35 6.17
CA ALA A 30 -3.61 7.78 4.77
C ALA A 30 -3.11 6.66 3.87
N ILE A 31 -1.94 6.04 4.24
CA ILE A 31 -1.36 4.86 3.61
C ILE A 31 -2.20 3.56 3.69
N ILE A 32 -2.97 3.38 4.77
CA ILE A 32 -3.93 2.28 4.90
C ILE A 32 -5.14 2.56 4.00
N GLY A 33 -5.52 3.83 3.75
CA GLY A 33 -6.54 4.33 2.75
C GLY A 33 -6.24 3.91 1.30
N LEU A 34 -4.92 3.93 1.00
CA LEU A 34 -4.31 3.29 -0.13
C LEU A 34 -4.24 1.76 -0.15
N MET A 35 -3.88 1.09 0.94
CA MET A 35 -3.96 -0.41 1.05
C MET A 35 -5.38 -0.86 0.74
N VAL A 36 -6.37 -0.31 1.40
CA VAL A 36 -7.79 -0.55 1.17
C VAL A 36 -8.25 -0.12 -0.27
N GLY A 37 -7.52 0.92 -0.83
CA GLY A 37 -7.53 1.16 -2.31
C GLY A 37 -7.18 -0.01 -3.24
N GLY A 38 -6.06 -0.69 -2.90
CA GLY A 38 -5.64 -1.88 -3.59
C GLY A 38 -6.67 -3.01 -3.38
N VAL A 39 -7.23 -3.12 -2.19
CA VAL A 39 -8.32 -4.13 -1.98
C VAL A 39 -9.57 -3.81 -2.87
N VAL A 40 -9.97 -2.52 -2.93
CA VAL A 40 -10.98 -2.13 -3.86
C VAL A 40 -10.54 -2.47 -5.29
N ILE A 41 -9.35 -2.07 -5.83
CA ILE A 41 -8.88 -2.63 -7.14
C ILE A 41 -8.84 -4.13 -7.29
N ALA A 42 -8.40 -4.86 -6.28
CA ALA A 42 -8.55 -6.27 -6.25
C ALA A 42 -9.99 -6.73 -6.32
N THR A 43 -10.97 -6.02 -5.69
CA THR A 43 -12.44 -6.37 -5.66
C THR A 43 -12.94 -6.32 -7.11
N VAL A 44 -12.67 -5.19 -7.74
CA VAL A 44 -12.78 -5.00 -9.22
C VAL A 44 -12.08 -6.06 -10.01
N ILE A 45 -10.95 -6.63 -9.60
CA ILE A 45 -10.23 -7.64 -10.38
C ILE A 45 -11.12 -8.87 -10.38
N VAL A 46 -11.38 -9.43 -9.14
CA VAL A 46 -12.31 -10.54 -8.97
C VAL A 46 -13.55 -10.42 -9.87
N ILE A 47 -14.32 -9.32 -9.79
CA ILE A 47 -15.59 -9.26 -10.53
C ILE A 47 -15.40 -9.19 -12.09
N THR A 48 -14.47 -8.36 -12.58
CA THR A 48 -14.12 -8.26 -13.99
C THR A 48 -13.38 -9.50 -14.63
N LEU A 49 -12.50 -10.23 -13.88
CA LEU A 49 -11.42 -11.13 -14.37
C LEU A 49 -11.42 -12.55 -13.81
N VAL A 50 -12.12 -12.76 -12.73
CA VAL A 50 -12.16 -14.04 -11.89
C VAL A 50 -13.54 -14.62 -11.89
N MET A 51 -14.61 -13.89 -11.58
CA MET A 51 -16.00 -14.29 -11.63
C MET A 51 -16.42 -14.72 -13.10
N PRO A 52 -15.89 -14.14 -14.23
CA PRO A 52 -16.16 -14.78 -15.52
C PRO A 52 -15.78 -16.25 -15.58
N LYS A 53 -14.79 -16.81 -14.80
CA LYS A 53 -14.33 -18.22 -14.85
C LYS A 53 -15.36 -19.26 -14.32
N LYS A 54 -16.43 -18.81 -13.59
CA LYS A 54 -17.42 -19.65 -12.84
C LYS A 54 -18.42 -20.22 -13.86
N LYS A 55 -19.04 -21.38 -13.67
CA LYS A 55 -19.90 -22.04 -14.63
C LYS A 55 -21.22 -21.32 -14.79
N ASP A 1 11.76 20.41 20.69
CA ASP A 1 12.94 20.01 19.89
C ASP A 1 12.49 19.25 18.63
N ALA A 2 13.33 18.89 17.69
CA ALA A 2 13.04 17.87 16.63
C ALA A 2 12.81 16.49 17.32
N GLU A 3 12.34 15.45 16.59
CA GLU A 3 12.16 14.05 16.98
C GLU A 3 13.45 13.17 16.83
N PHE A 4 14.42 13.62 16.03
CA PHE A 4 15.61 12.83 15.64
C PHE A 4 15.39 11.32 15.25
N ARG A 5 14.62 11.11 14.20
CA ARG A 5 14.11 9.76 13.84
C ARG A 5 15.26 8.72 13.56
N HIS A 6 16.41 9.14 12.99
CA HIS A 6 17.62 8.42 12.63
C HIS A 6 17.37 7.04 11.99
N ASP A 7 16.99 7.16 10.73
CA ASP A 7 16.75 6.07 9.78
C ASP A 7 17.80 4.90 9.62
N SER A 8 19.05 5.10 10.02
CA SER A 8 20.21 4.13 10.00
C SER A 8 20.47 3.63 11.43
N GLY A 9 19.66 3.85 12.41
CA GLY A 9 19.87 3.74 13.80
C GLY A 9 19.18 2.49 14.42
N TYR A 10 19.13 2.45 15.79
CA TYR A 10 18.52 1.27 16.49
C TYR A 10 17.05 1.12 16.20
N GLU A 11 16.35 -0.01 16.37
CA GLU A 11 14.94 -0.32 16.33
C GLU A 11 14.16 0.05 15.03
N VAL A 12 14.89 0.25 13.91
CA VAL A 12 14.33 0.67 12.60
C VAL A 12 13.40 -0.38 12.07
N HIS A 13 13.66 -1.64 12.37
CA HIS A 13 12.77 -2.85 12.16
C HIS A 13 11.38 -2.72 12.75
N HIS A 14 11.17 -1.90 13.74
CA HIS A 14 9.94 -1.84 14.47
C HIS A 14 9.02 -0.72 14.00
N GLN A 15 9.44 0.06 13.03
CA GLN A 15 8.75 1.21 12.65
C GLN A 15 7.77 0.91 11.49
N LYS A 16 6.49 1.23 11.60
CA LYS A 16 5.50 0.93 10.56
C LYS A 16 5.78 1.87 9.30
N LEU A 17 5.26 1.55 8.13
CA LEU A 17 5.34 2.31 6.90
C LEU A 17 4.65 3.69 7.04
N VAL A 18 3.49 3.84 7.73
CA VAL A 18 2.79 5.03 8.22
C VAL A 18 3.51 5.78 9.34
N PHE A 19 3.54 7.16 9.27
CA PHE A 19 4.31 8.05 10.13
C PHE A 19 5.79 8.15 9.75
N PHE A 20 6.43 7.05 9.24
CA PHE A 20 7.67 7.18 8.50
C PHE A 20 7.59 7.72 7.09
N ALA A 21 6.30 7.67 6.59
CA ALA A 21 5.81 8.34 5.43
C ALA A 21 5.56 9.84 5.63
N GLU A 22 6.04 10.43 6.68
CA GLU A 22 6.09 11.90 6.71
C GLU A 22 6.87 12.52 5.54
N ASP A 23 7.77 11.75 5.04
CA ASP A 23 8.38 12.12 3.74
C ASP A 23 7.49 12.13 2.49
N VAL A 24 6.33 11.47 2.51
CA VAL A 24 5.20 11.49 1.55
C VAL A 24 4.31 12.67 1.82
N GLY A 25 4.04 12.81 3.10
CA GLY A 25 3.21 13.86 3.62
C GLY A 25 2.67 13.59 5.04
N SER A 26 2.04 14.58 5.65
CA SER A 26 1.82 14.66 7.08
C SER A 26 0.72 13.67 7.60
N ASN A 27 -0.14 13.16 6.69
CA ASN A 27 -1.39 12.56 7.09
C ASN A 27 -1.13 11.05 7.18
N LYS A 28 -1.26 10.50 8.43
CA LYS A 28 -1.24 9.07 8.63
C LYS A 28 -2.30 8.19 7.93
N GLY A 29 -3.55 8.67 7.81
CA GLY A 29 -4.66 8.03 7.12
C GLY A 29 -4.35 7.65 5.65
N ALA A 30 -3.38 8.33 5.02
CA ALA A 30 -3.16 8.19 3.59
C ALA A 30 -2.70 6.75 3.26
N ILE A 31 -1.77 6.23 4.11
CA ILE A 31 -1.13 4.92 3.95
C ILE A 31 -2.12 3.71 4.06
N ILE A 32 -3.10 3.92 4.95
CA ILE A 32 -4.23 3.05 5.27
C ILE A 32 -5.21 3.03 4.03
N GLY A 33 -5.32 4.20 3.46
CA GLY A 33 -6.21 4.41 2.34
C GLY A 33 -5.63 3.84 0.97
N LEU A 34 -4.34 3.98 0.79
CA LEU A 34 -3.48 3.26 -0.19
C LEU A 34 -3.67 1.68 -0.10
N MET A 35 -3.69 1.08 1.10
CA MET A 35 -4.07 -0.33 1.30
C MET A 35 -5.55 -0.66 0.94
N VAL A 36 -6.53 0.01 1.51
CA VAL A 36 -7.97 -0.15 1.17
C VAL A 36 -8.34 0.08 -0.27
N GLY A 37 -7.65 0.91 -0.99
CA GLY A 37 -7.78 0.95 -2.47
C GLY A 37 -7.21 -0.17 -3.26
N GLY A 38 -6.22 -0.84 -2.76
CA GLY A 38 -5.64 -2.09 -3.22
C GLY A 38 -6.55 -3.24 -3.15
N VAL A 39 -7.12 -3.48 -2.01
CA VAL A 39 -8.07 -4.57 -1.82
C VAL A 39 -9.31 -4.43 -2.65
N VAL A 40 -9.66 -3.23 -2.98
CA VAL A 40 -10.80 -2.87 -3.85
C VAL A 40 -10.57 -2.97 -5.35
N ILE A 41 -9.36 -2.53 -5.77
CA ILE A 41 -8.85 -2.79 -7.12
C ILE A 41 -8.90 -4.29 -7.40
N ALA A 42 -8.37 -5.09 -6.48
CA ALA A 42 -8.51 -6.57 -6.45
C ALA A 42 -9.98 -7.00 -6.61
N THR A 43 -10.84 -6.43 -5.77
CA THR A 43 -12.32 -6.68 -5.90
C THR A 43 -12.97 -6.37 -7.27
N VAL A 44 -12.66 -5.24 -7.88
CA VAL A 44 -13.07 -4.89 -9.23
C VAL A 44 -12.49 -5.91 -10.24
N ILE A 45 -11.22 -6.33 -10.11
CA ILE A 45 -10.53 -7.26 -10.99
C ILE A 45 -11.32 -8.57 -10.91
N VAL A 46 -11.54 -9.19 -9.75
CA VAL A 46 -12.33 -10.40 -9.53
C VAL A 46 -13.79 -10.40 -10.14
N ILE A 47 -14.66 -9.44 -9.78
CA ILE A 47 -16.06 -9.47 -10.20
C ILE A 47 -16.28 -9.10 -11.67
N THR A 48 -15.27 -8.52 -12.37
CA THR A 48 -15.42 -8.12 -13.82
C THR A 48 -14.60 -8.94 -14.81
N LEU A 49 -13.66 -9.75 -14.31
CA LEU A 49 -12.55 -10.47 -15.12
C LEU A 49 -12.13 -11.83 -14.59
N VAL A 50 -12.64 -12.27 -13.45
CA VAL A 50 -12.58 -13.69 -13.01
C VAL A 50 -13.97 -14.38 -13.03
N MET A 51 -14.93 -13.66 -12.52
CA MET A 51 -16.35 -14.06 -12.36
C MET A 51 -17.07 -14.56 -13.58
N PRO A 52 -16.73 -14.07 -14.83
CA PRO A 52 -17.28 -14.62 -16.07
C PRO A 52 -16.89 -16.10 -16.41
N LYS A 53 -15.81 -16.62 -15.77
CA LYS A 53 -15.30 -17.99 -16.02
C LYS A 53 -16.23 -19.07 -15.42
N LYS A 54 -17.18 -18.64 -14.58
CA LYS A 54 -18.27 -19.43 -14.05
C LYS A 54 -19.17 -19.94 -15.16
N LYS A 55 -19.23 -21.27 -15.14
CA LYS A 55 -20.31 -22.07 -15.87
C LYS A 55 -21.62 -22.11 -15.03
#